data_5JR4
#
_entry.id   5JR4
#
_cell.length_a   122.320
_cell.length_b   33.030
_cell.length_c   72.450
_cell.angle_alpha   90.00
_cell.angle_beta   120.62
_cell.angle_gamma   90.00
#
_symmetry.space_group_name_H-M   'C 1 2 1'
#
loop_
_entity.id
_entity.type
_entity.pdbx_description
1 polymer 'Type 1 fimbiral adhesin FimH'
2 polymer 'FimG N-terminal extension'
3 non-polymer GLYCEROL
4 non-polymer 'CALCIUM ION'
5 water water
#
loop_
_entity_poly.entity_id
_entity_poly.type
_entity_poly.pdbx_seq_one_letter_code
_entity_poly.pdbx_strand_id
1 'polypeptide(L)'
;FACKTANGTAIPIGGGSANVYVNLAPVVNVGQNLVVDLSTQIFCHNDYPETITDYVTLQRGAAYGGVLSSFSGTVKYNGS
SYPFPTTSETPRVVYNSRTDKPWPVALYLTPVSSAGGVAIKAGSLIAVLILRQTNNYNSDDFQFVWNIYANNDVVVPTGG
CDASARDVTVTLPDYPGSVPIPLTVYCAKSQNLGYYLSGTTADAGNSIFTNTASFSPAQGVGVQLTRNGTIIPANNTVSL
GAVGTSAVSLGLTANYARTGGQVTAGNVQSIIGVTFVYQ
;
A
2 'polypeptide(L)' ADVTITVNGKVVAKP B
#
# COMPACT_ATOMS: atom_id res chain seq x y z
N PHE A 1 -22.48 15.04 -24.17
CA PHE A 1 -21.52 14.06 -23.73
C PHE A 1 -21.84 13.32 -22.46
N ALA A 2 -22.07 12.04 -22.59
CA ALA A 2 -22.36 11.22 -21.46
C ALA A 2 -21.56 9.93 -21.50
N CYS A 3 -21.46 9.31 -20.35
CA CYS A 3 -20.75 8.07 -20.20
C CYS A 3 -21.56 7.04 -19.41
N LYS A 4 -21.21 5.80 -19.56
CA LYS A 4 -21.87 4.72 -18.87
C LYS A 4 -20.95 3.54 -18.69
N THR A 5 -21.14 2.84 -17.60
CA THR A 5 -20.41 1.67 -17.24
C THR A 5 -21.10 0.49 -17.80
N ALA A 6 -20.38 -0.61 -17.85
CA ALA A 6 -20.93 -1.87 -18.32
C ALA A 6 -21.94 -2.45 -17.33
N ASN A 7 -21.82 -2.05 -16.07
CA ASN A 7 -22.70 -2.55 -15.02
C ASN A 7 -23.79 -1.56 -14.61
N GLY A 8 -24.22 -0.72 -15.54
CA GLY A 8 -25.36 0.16 -15.31
C GLY A 8 -25.06 1.61 -14.98
N THR A 9 -24.20 1.83 -13.98
CA THR A 9 -23.92 3.18 -13.48
C THR A 9 -23.45 4.12 -14.59
N ALA A 10 -24.05 5.31 -14.63
CA ALA A 10 -23.74 6.28 -15.68
C ALA A 10 -23.41 7.65 -15.10
N ILE A 11 -22.78 8.50 -15.93
CA ILE A 11 -22.54 9.89 -15.56
C ILE A 11 -23.07 10.82 -16.65
N PRO A 12 -24.05 11.66 -16.30
CA PRO A 12 -24.73 12.53 -17.27
C PRO A 12 -23.91 13.74 -17.67
N ILE A 13 -24.52 14.64 -18.44
CA ILE A 13 -23.87 15.87 -18.88
C ILE A 13 -23.50 16.76 -17.71
N GLY A 14 -22.24 17.19 -17.69
CA GLY A 14 -21.75 18.06 -16.64
C GLY A 14 -20.69 17.41 -15.77
N GLY A 15 -20.42 16.15 -16.05
CA GLY A 15 -19.44 15.41 -15.27
C GLY A 15 -20.03 14.77 -14.04
N GLY A 16 -19.17 14.25 -13.17
CA GLY A 16 -19.61 13.55 -11.99
C GLY A 16 -18.76 12.31 -11.75
N SER A 17 -19.03 11.61 -10.65
CA SER A 17 -18.24 10.43 -10.30
C SER A 17 -19.04 9.15 -10.41
N ALA A 18 -18.33 8.03 -10.54
CA ALA A 18 -18.98 6.71 -10.62
C ALA A 18 -18.02 5.61 -10.16
N ASN A 19 -18.58 4.58 -9.52
CA ASN A 19 -17.79 3.45 -9.07
C ASN A 19 -17.81 2.30 -10.06
N VAL A 20 -16.63 1.97 -10.58
CA VAL A 20 -16.49 0.85 -11.52
C VAL A 20 -15.94 -0.37 -10.78
N TYR A 21 -16.51 -1.54 -11.08
CA TYR A 21 -16.10 -2.77 -10.42
C TYR A 21 -15.49 -3.74 -11.44
N VAL A 22 -14.17 -3.92 -11.36
CA VAL A 22 -13.47 -4.71 -12.36
C VAL A 22 -13.03 -6.09 -11.85
N ASN A 23 -13.05 -7.07 -12.74
CA ASN A 23 -12.51 -8.38 -12.44
C ASN A 23 -11.01 -8.39 -12.71
N LEU A 24 -10.23 -8.94 -11.79
CA LEU A 24 -8.79 -8.98 -11.94
C LEU A 24 -8.25 -10.39 -11.91
N ALA A 25 -7.10 -10.59 -12.54
CA ALA A 25 -6.40 -11.87 -12.46
C ALA A 25 -6.08 -12.17 -11.00
N PRO A 26 -6.59 -13.30 -10.50
CA PRO A 26 -6.44 -13.67 -9.08
C PRO A 26 -5.00 -14.03 -8.74
N VAL A 27 -4.20 -14.34 -9.76
CA VAL A 27 -2.80 -14.66 -9.57
C VAL A 27 -1.93 -13.93 -10.59
N VAL A 28 -1.01 -13.10 -10.10
CA VAL A 28 -0.04 -12.43 -10.96
C VAL A 28 1.31 -12.39 -10.26
N ASN A 29 2.37 -12.70 -11.00
CA ASN A 29 3.70 -12.80 -10.40
C ASN A 29 4.65 -11.74 -10.96
N VAL A 30 5.84 -11.66 -10.36
CA VAL A 30 6.87 -10.72 -10.80
C VAL A 30 7.24 -10.96 -12.26
N GLY A 31 7.23 -9.88 -13.05
CA GLY A 31 7.55 -9.97 -14.46
C GLY A 31 6.30 -10.11 -15.32
N GLN A 32 5.22 -10.56 -14.70
CA GLN A 32 3.95 -10.70 -15.40
C GLN A 32 3.14 -9.42 -15.27
N ASN A 33 2.27 -9.18 -16.25
CA ASN A 33 1.49 -7.95 -16.29
C ASN A 33 0.02 -8.15 -16.00
N LEU A 34 -0.43 -7.57 -14.87
CA LEU A 34 -1.83 -7.52 -14.53
C LEU A 34 -2.52 -6.43 -15.34
N VAL A 35 -3.44 -6.84 -16.21
CA VAL A 35 -4.08 -5.90 -17.14
C VAL A 35 -5.50 -5.55 -16.72
N VAL A 36 -5.72 -4.27 -16.43
CA VAL A 36 -7.05 -3.76 -16.13
C VAL A 36 -7.56 -2.98 -17.33
N ASP A 37 -8.18 -3.68 -18.27
CA ASP A 37 -8.68 -3.08 -19.51
C ASP A 37 -10.03 -2.40 -19.26
N LEU A 38 -10.03 -1.08 -19.30
CA LEU A 38 -11.25 -0.31 -19.03
C LEU A 38 -11.95 0.15 -20.29
N SER A 39 -11.56 -0.41 -21.43
CA SER A 39 -12.23 -0.11 -22.69
C SER A 39 -13.36 -1.10 -22.92
N THR A 40 -13.65 -1.90 -21.91
CA THR A 40 -14.72 -2.89 -21.99
C THR A 40 -15.81 -2.58 -20.97
N GLN A 41 -15.58 -1.58 -20.14
CA GLN A 41 -16.50 -1.24 -19.07
C GLN A 41 -16.94 0.21 -19.09
N ILE A 42 -16.01 1.12 -19.39
CA ILE A 42 -16.35 2.55 -19.48
C ILE A 42 -16.60 2.97 -20.92
N PHE A 43 -17.80 3.47 -21.19
CA PHE A 43 -18.16 3.89 -22.54
C PHE A 43 -18.65 5.34 -22.54
N CYS A 44 -18.46 6.03 -23.66
CA CYS A 44 -18.87 7.42 -23.78
C CYS A 44 -19.43 7.75 -25.16
N HIS A 45 -20.19 8.84 -25.24
CA HIS A 45 -20.76 9.28 -26.51
C HIS A 45 -21.03 10.78 -26.53
N ASN A 46 -21.09 11.30 -27.74
CA ASN A 46 -21.39 12.68 -28.08
C ASN A 46 -22.87 12.89 -28.28
N ASP A 47 -23.46 13.81 -27.56
CA ASP A 47 -24.89 14.05 -27.65
C ASP A 47 -25.36 14.94 -28.79
N TYR A 48 -24.47 15.74 -29.34
CA TYR A 48 -24.80 16.61 -30.42
C TYR A 48 -23.69 16.56 -31.45
N PRO A 49 -23.56 15.35 -32.10
CA PRO A 49 -22.49 15.29 -33.07
C PRO A 49 -22.71 16.02 -34.36
N GLU A 50 -23.85 16.66 -34.53
CA GLU A 50 -24.14 17.36 -35.73
C GLU A 50 -23.73 18.81 -35.63
N THR A 51 -23.46 19.24 -34.42
CA THR A 51 -23.06 20.58 -34.17
C THR A 51 -21.83 20.72 -33.34
N ILE A 52 -21.57 19.74 -32.50
CA ILE A 52 -20.44 19.78 -31.58
C ILE A 52 -19.53 18.57 -31.64
N THR A 53 -18.24 18.79 -31.54
CA THR A 53 -17.24 17.73 -31.50
C THR A 53 -16.64 17.64 -30.10
N ASP A 54 -16.65 16.45 -29.52
CA ASP A 54 -16.18 16.27 -28.16
C ASP A 54 -14.70 15.88 -28.08
N TYR A 55 -14.01 16.40 -27.09
CA TYR A 55 -12.59 16.12 -26.84
C TYR A 55 -12.44 15.48 -25.49
N VAL A 56 -11.86 14.30 -25.42
CA VAL A 56 -11.73 13.55 -24.17
C VAL A 56 -10.34 13.09 -23.83
N THR A 57 -9.95 13.28 -22.58
CA THR A 57 -8.64 12.90 -22.13
C THR A 57 -8.59 12.20 -20.82
N LEU A 58 -7.48 11.53 -20.57
CA LEU A 58 -7.21 10.90 -19.33
C LEU A 58 -6.39 12.00 -18.65
N GLN A 59 -7.05 12.81 -17.88
CA GLN A 59 -6.41 13.91 -17.22
C GLN A 59 -5.43 13.54 -16.12
N ARG A 60 -5.85 12.72 -15.19
CA ARG A 60 -5.01 12.32 -14.11
C ARG A 60 -5.42 10.97 -13.70
N GLY A 61 -4.47 10.15 -13.28
CA GLY A 61 -4.76 8.81 -12.82
C GLY A 61 -3.96 8.48 -11.58
N ALA A 62 -4.64 8.12 -10.50
CA ALA A 62 -3.98 7.83 -9.23
C ALA A 62 -4.18 6.39 -8.80
N ALA A 63 -3.17 5.85 -8.13
CA ALA A 63 -3.22 4.48 -7.63
C ALA A 63 -3.55 4.44 -6.15
N TYR A 64 -4.35 3.44 -5.76
CA TYR A 64 -4.74 3.29 -4.36
C TYR A 64 -4.59 1.85 -3.90
N GLY A 65 -4.78 1.64 -2.59
CA GLY A 65 -4.81 0.31 -2.00
C GLY A 65 -3.57 -0.53 -2.26
N GLY A 66 -3.77 -1.68 -2.88
CA GLY A 66 -2.69 -2.61 -3.13
C GLY A 66 -1.85 -2.27 -4.34
N VAL A 67 -2.44 -1.54 -5.28
CA VAL A 67 -1.73 -1.11 -6.48
C VAL A 67 -0.66 -0.10 -6.10
N LEU A 68 -0.99 0.77 -5.16
CA LEU A 68 -0.09 1.83 -4.72
C LEU A 68 1.10 1.30 -3.93
N SER A 69 0.93 0.14 -3.29
CA SER A 69 1.92 -0.37 -2.35
C SER A 69 2.59 -1.68 -2.81
N SER A 70 2.12 -2.25 -3.91
CA SER A 70 2.65 -3.54 -4.35
C SER A 70 2.85 -3.61 -5.87
N PHE A 71 2.51 -2.54 -6.57
CA PHE A 71 2.56 -2.57 -8.03
C PHE A 71 3.19 -1.32 -8.63
N SER A 72 4.06 -1.54 -9.63
CA SER A 72 4.53 -0.47 -10.49
C SER A 72 3.75 -0.56 -11.80
N GLY A 73 3.46 0.56 -12.44
CA GLY A 73 2.57 0.50 -13.58
C GLY A 73 2.68 1.54 -14.68
N THR A 74 2.13 1.17 -15.84
CA THR A 74 1.96 2.10 -16.94
C THR A 74 0.50 2.10 -17.37
N VAL A 75 0.10 3.10 -18.15
CA VAL A 75 -1.28 3.19 -18.62
C VAL A 75 -1.34 3.34 -20.13
N LYS A 76 -2.18 2.53 -20.75
CA LYS A 76 -2.45 2.59 -22.18
C LYS A 76 -3.61 3.52 -22.47
N TYR A 77 -3.37 4.52 -23.32
CA TYR A 77 -4.41 5.44 -23.76
C TYR A 77 -4.28 5.70 -25.25
N ASN A 78 -5.31 5.30 -25.99
CA ASN A 78 -5.38 5.48 -27.44
C ASN A 78 -4.13 4.99 -28.17
N GLY A 79 -3.55 3.90 -27.67
CA GLY A 79 -2.39 3.30 -28.30
C GLY A 79 -1.05 3.71 -27.71
N SER A 80 -1.04 4.79 -26.94
CA SER A 80 0.21 5.30 -26.36
C SER A 80 0.33 4.91 -24.90
N SER A 81 1.56 4.74 -24.42
CA SER A 81 1.79 4.37 -23.03
C SER A 81 2.34 5.54 -22.22
N TYR A 82 1.89 5.64 -20.96
CA TYR A 82 2.28 6.73 -20.08
C TYR A 82 2.58 6.19 -18.68
N PRO A 83 3.32 6.97 -17.87
CA PRO A 83 3.58 6.53 -16.49
C PRO A 83 2.31 6.38 -15.66
N PHE A 84 2.24 5.36 -14.82
CA PHE A 84 1.14 5.21 -13.89
C PHE A 84 1.65 5.04 -12.46
N PRO A 85 1.18 5.88 -11.52
CA PRO A 85 0.17 6.94 -11.68
C PRO A 85 0.62 8.08 -12.60
N THR A 86 -0.33 8.67 -13.31
CA THR A 86 -0.03 9.67 -14.33
C THR A 86 0.54 10.95 -13.74
N THR A 87 1.31 11.66 -14.56
CA THR A 87 1.97 12.89 -14.13
C THR A 87 1.69 14.04 -15.08
N SER A 88 1.03 13.74 -16.20
CA SER A 88 0.67 14.76 -17.18
C SER A 88 -0.61 14.37 -17.91
N GLU A 89 -1.33 15.37 -18.41
CA GLU A 89 -2.53 15.11 -19.19
C GLU A 89 -2.16 14.50 -20.54
N THR A 90 -2.92 13.49 -20.94
CA THR A 90 -2.68 12.77 -22.19
C THR A 90 -3.30 13.52 -23.37
N PRO A 91 -2.84 13.23 -24.60
CA PRO A 91 -3.53 13.72 -25.79
C PRO A 91 -5.01 13.34 -25.83
N ARG A 92 -5.78 14.00 -26.69
CA ARG A 92 -7.23 13.83 -26.68
C ARG A 92 -7.72 12.80 -27.69
N VAL A 93 -8.84 12.18 -27.36
CA VAL A 93 -9.57 11.33 -28.28
C VAL A 93 -10.85 12.06 -28.68
N VAL A 94 -11.15 12.04 -29.97
CA VAL A 94 -12.33 12.72 -30.49
C VAL A 94 -13.58 11.83 -30.39
N TYR A 95 -14.62 12.38 -29.79
CA TYR A 95 -15.92 11.71 -29.77
C TYR A 95 -16.91 12.51 -30.62
N ASN A 96 -17.43 11.86 -31.66
CA ASN A 96 -18.26 12.54 -32.66
C ASN A 96 -19.46 11.70 -33.09
N SER A 97 -19.96 10.86 -32.19
CA SER A 97 -21.10 9.99 -32.50
C SER A 97 -21.95 9.78 -31.26
N ARG A 98 -23.21 9.49 -31.49
CA ARG A 98 -24.15 9.25 -30.44
C ARG A 98 -24.08 7.84 -29.94
N THR A 99 -23.38 7.04 -30.70
CA THR A 99 -23.08 5.67 -30.38
C THR A 99 -21.99 5.57 -29.28
N ASP A 100 -22.33 4.97 -28.16
CA ASP A 100 -21.42 4.83 -27.07
C ASP A 100 -20.18 4.02 -27.37
N LYS A 101 -19.02 4.63 -27.36
CA LYS A 101 -17.80 3.95 -27.67
C LYS A 101 -16.85 3.84 -26.48
N PRO A 102 -16.00 2.84 -26.50
CA PRO A 102 -15.07 2.57 -25.39
C PRO A 102 -14.13 3.73 -25.09
N TRP A 103 -13.92 4.00 -23.80
CA TRP A 103 -12.88 4.92 -23.37
C TRP A 103 -11.55 4.17 -23.34
N PRO A 104 -10.67 4.47 -24.31
CA PRO A 104 -9.44 3.69 -24.53
C PRO A 104 -8.46 3.79 -23.37
N VAL A 105 -8.75 3.08 -22.29
CA VAL A 105 -7.89 3.11 -21.11
C VAL A 105 -7.57 1.70 -20.62
N ALA A 106 -6.30 1.42 -20.41
CA ALA A 106 -5.88 0.13 -19.85
C ALA A 106 -4.78 0.32 -18.81
N LEU A 107 -4.80 -0.51 -17.77
CA LEU A 107 -3.78 -0.42 -16.74
C LEU A 107 -2.84 -1.63 -16.78
N TYR A 108 -1.55 -1.38 -16.87
CA TYR A 108 -0.56 -2.44 -16.85
C TYR A 108 0.22 -2.40 -15.54
N LEU A 109 -0.02 -3.40 -14.69
CA LEU A 109 0.52 -3.40 -13.33
C LEU A 109 1.40 -4.63 -13.07
N THR A 110 2.68 -4.38 -12.75
CA THR A 110 3.61 -5.45 -12.41
C THR A 110 3.91 -5.43 -10.92
N PRO A 111 3.90 -6.60 -10.27
CA PRO A 111 4.24 -6.69 -8.85
C PRO A 111 5.67 -6.24 -8.55
N VAL A 112 5.88 -5.57 -7.42
CA VAL A 112 7.21 -5.16 -7.00
C VAL A 112 7.90 -6.27 -6.23
N SER A 113 9.08 -5.97 -5.69
CA SER A 113 9.86 -6.95 -4.95
C SER A 113 9.18 -7.37 -3.66
N SER A 114 8.62 -6.41 -2.95
CA SER A 114 8.03 -6.65 -1.63
C SER A 114 6.63 -7.27 -1.73
N ALA A 115 6.10 -7.37 -2.94
CA ALA A 115 4.79 -7.96 -3.16
C ALA A 115 4.79 -9.45 -2.82
N GLY A 116 3.66 -9.93 -2.32
CA GLY A 116 3.53 -11.32 -1.92
C GLY A 116 2.27 -11.53 -1.08
N GLY A 117 1.58 -12.64 -1.34
CA GLY A 117 0.31 -12.89 -0.69
C GLY A 117 -0.79 -12.05 -1.30
N VAL A 118 -1.83 -11.75 -0.53
CA VAL A 118 -2.93 -10.92 -1.04
C VAL A 118 -2.48 -9.48 -1.23
N ALA A 119 -2.07 -9.16 -2.46
CA ALA A 119 -1.59 -7.82 -2.77
C ALA A 119 -2.76 -6.85 -2.96
N ILE A 120 -3.78 -7.31 -3.65
CA ILE A 120 -4.99 -6.53 -3.86
C ILE A 120 -6.19 -7.30 -3.30
N LYS A 121 -6.80 -6.78 -2.24
CA LYS A 121 -7.91 -7.49 -1.63
C LYS A 121 -9.24 -7.08 -2.26
N ALA A 122 -10.24 -7.95 -2.09
CA ALA A 122 -11.53 -7.79 -2.74
C ALA A 122 -12.29 -6.57 -2.24
N GLY A 123 -12.94 -5.87 -3.15
CA GLY A 123 -13.76 -4.73 -2.81
C GLY A 123 -12.97 -3.47 -2.50
N SER A 124 -11.65 -3.55 -2.63
CA SER A 124 -10.77 -2.43 -2.29
C SER A 124 -10.55 -1.50 -3.47
N LEU A 125 -10.40 -0.22 -3.18
CA LEU A 125 -10.15 0.79 -4.20
C LEU A 125 -8.75 0.63 -4.78
N ILE A 126 -8.67 0.30 -6.07
CA ILE A 126 -7.37 0.11 -6.69
C ILE A 126 -6.92 1.31 -7.51
N ALA A 127 -7.87 2.10 -8.02
CA ALA A 127 -7.47 3.25 -8.82
C ALA A 127 -8.53 4.36 -8.87
N VAL A 128 -8.10 5.54 -9.30
CA VAL A 128 -9.03 6.63 -9.61
C VAL A 128 -8.58 7.30 -10.91
N LEU A 129 -9.42 7.22 -11.94
CA LEU A 129 -9.07 7.79 -13.23
C LEU A 129 -10.02 8.92 -13.59
N ILE A 130 -9.45 10.10 -13.82
CA ILE A 130 -10.25 11.27 -14.15
C ILE A 130 -10.31 11.51 -15.66
N LEU A 131 -11.50 11.36 -16.21
CA LEU A 131 -11.76 11.71 -17.60
C LEU A 131 -12.01 13.21 -17.69
N ARG A 132 -11.55 13.84 -18.76
CA ARG A 132 -11.77 15.27 -18.94
C ARG A 132 -12.36 15.58 -20.31
N GLN A 133 -13.56 16.10 -20.31
CA GLN A 133 -14.28 16.40 -21.51
C GLN A 133 -14.44 17.87 -21.85
N THR A 134 -14.09 18.21 -23.08
CA THR A 134 -14.28 19.56 -23.60
C THR A 134 -14.89 19.48 -24.99
N ASN A 135 -14.99 20.61 -25.67
CA ASN A 135 -15.53 20.65 -27.03
C ASN A 135 -15.15 21.92 -27.78
N ASN A 136 -15.41 21.93 -29.06
CA ASN A 136 -15.09 23.08 -29.84
C ASN A 136 -16.27 23.97 -29.96
N TYR A 137 -17.19 23.85 -29.05
CA TYR A 137 -18.37 24.66 -29.11
C TYR A 137 -18.50 25.67 -28.02
N ASN A 138 -18.45 25.16 -26.82
CA ASN A 138 -18.61 25.87 -25.59
C ASN A 138 -17.29 26.06 -24.96
N SER A 139 -17.31 26.27 -23.65
CA SER A 139 -16.13 26.35 -22.87
C SER A 139 -16.30 25.32 -21.79
N ASP A 140 -17.07 24.28 -22.07
CA ASP A 140 -17.31 23.22 -21.12
C ASP A 140 -16.07 22.45 -20.82
N ASP A 141 -15.81 22.21 -19.54
CA ASP A 141 -14.65 21.52 -19.02
C ASP A 141 -15.16 20.62 -17.93
N PHE A 142 -15.65 19.47 -18.32
CA PHE A 142 -16.26 18.56 -17.35
C PHE A 142 -15.32 17.43 -16.93
N GLN A 143 -15.46 16.99 -15.69
CA GLN A 143 -14.64 15.90 -15.16
C GLN A 143 -15.48 14.68 -14.82
N PHE A 144 -15.13 13.55 -15.44
CA PHE A 144 -15.76 12.28 -15.16
C PHE A 144 -14.85 11.42 -14.28
N VAL A 145 -15.09 11.44 -12.98
CA VAL A 145 -14.28 10.69 -12.04
C VAL A 145 -14.68 9.22 -11.99
N TRP A 146 -13.72 8.34 -12.22
CA TRP A 146 -13.98 6.91 -12.20
C TRP A 146 -13.21 6.21 -11.08
N ASN A 147 -13.93 5.70 -10.09
CA ASN A 147 -13.31 4.98 -8.99
C ASN A 147 -13.25 3.48 -9.26
N ILE A 148 -12.06 3.01 -9.63
CA ILE A 148 -11.84 1.61 -9.96
C ILE A 148 -11.62 0.75 -8.72
N TYR A 149 -12.55 -0.17 -8.50
CA TYR A 149 -12.50 -1.13 -7.39
C TYR A 149 -12.28 -2.55 -7.91
N ALA A 150 -11.56 -3.35 -7.12
CA ALA A 150 -11.32 -4.75 -7.45
C ALA A 150 -12.46 -5.63 -6.96
N ASN A 151 -12.94 -6.51 -7.84
CA ASN A 151 -14.02 -7.43 -7.48
C ASN A 151 -13.52 -8.62 -6.67
N ASN A 152 -12.24 -8.91 -6.77
CA ASN A 152 -11.68 -10.11 -6.16
C ASN A 152 -10.28 -9.91 -5.59
N ASP A 153 -9.82 -10.92 -4.85
CA ASP A 153 -8.47 -10.92 -4.31
C ASP A 153 -7.45 -11.18 -5.41
N VAL A 154 -6.32 -10.48 -5.36
CA VAL A 154 -5.21 -10.73 -6.26
C VAL A 154 -4.01 -11.21 -5.47
N VAL A 155 -3.55 -12.41 -5.76
CA VAL A 155 -2.46 -13.02 -5.01
C VAL A 155 -1.15 -13.03 -5.79
N VAL A 156 -0.10 -12.57 -5.15
CA VAL A 156 1.23 -12.60 -5.71
C VAL A 156 1.88 -13.84 -5.16
N PRO A 157 2.30 -14.76 -6.10
CA PRO A 157 2.90 -15.99 -5.56
C PRO A 157 4.09 -15.87 -4.67
N THR A 158 3.96 -16.58 -3.58
CA THR A 158 4.89 -16.64 -2.50
C THR A 158 5.14 -18.08 -2.10
N GLY A 159 6.32 -18.35 -1.62
CA GLY A 159 6.73 -19.63 -1.16
C GLY A 159 6.95 -19.51 0.32
N GLY A 160 6.20 -20.31 1.06
CA GLY A 160 6.25 -20.40 2.49
C GLY A 160 5.76 -19.22 3.27
N CYS A 161 6.39 -18.94 4.38
CA CYS A 161 6.00 -17.75 5.13
C CYS A 161 7.06 -16.66 5.03
N ASP A 162 6.64 -15.48 4.59
CA ASP A 162 7.54 -14.35 4.42
C ASP A 162 7.05 -13.14 5.21
N ALA A 163 8.00 -12.35 5.70
CA ALA A 163 7.67 -11.19 6.52
C ALA A 163 7.57 -9.92 5.69
N SER A 164 7.05 -8.86 6.32
CA SER A 164 6.87 -7.57 5.66
C SER A 164 8.18 -7.06 5.09
N ALA A 165 9.17 -6.88 5.96
CA ALA A 165 10.49 -6.46 5.55
C ALA A 165 11.55 -7.19 6.36
N ARG A 166 12.81 -7.05 5.95
CA ARG A 166 13.92 -7.65 6.68
C ARG A 166 14.61 -6.59 7.55
N ASP A 167 14.60 -5.36 7.06
CA ASP A 167 15.11 -4.23 7.81
C ASP A 167 14.01 -3.21 8.09
N VAL A 168 13.54 -3.20 9.34
CA VAL A 168 12.51 -2.25 9.75
C VAL A 168 13.06 -1.30 10.80
N THR A 169 13.22 -0.03 10.43
CA THR A 169 13.72 0.99 11.34
C THR A 169 12.60 1.92 11.78
N VAL A 170 12.49 2.14 13.09
CA VAL A 170 11.45 2.99 13.63
C VAL A 170 12.03 4.07 14.52
N THR A 171 11.53 5.30 14.37
CA THR A 171 12.06 6.44 15.11
C THR A 171 11.13 6.86 16.24
N LEU A 172 11.70 7.05 17.42
CA LEU A 172 10.93 7.40 18.62
C LEU A 172 10.80 8.90 18.81
N PRO A 173 9.70 9.35 19.44
CA PRO A 173 9.63 10.75 19.86
C PRO A 173 10.64 10.99 20.98
N ASP A 174 10.99 12.24 21.23
CA ASP A 174 11.94 12.56 22.30
C ASP A 174 11.41 12.03 23.63
N TYR A 175 12.32 11.51 24.45
CA TYR A 175 11.98 10.86 25.72
C TYR A 175 11.07 11.71 26.61
N PRO A 176 9.97 11.11 27.09
CA PRO A 176 9.55 9.75 26.80
C PRO A 176 8.52 9.65 25.68
N GLY A 177 8.27 8.44 25.19
CA GLY A 177 7.34 8.23 24.11
C GLY A 177 7.29 6.80 23.61
N SER A 178 6.39 6.53 22.67
CA SER A 178 6.24 5.20 22.09
C SER A 178 5.92 5.30 20.60
N VAL A 179 6.25 4.25 19.85
CA VAL A 179 5.90 4.19 18.42
C VAL A 179 5.41 2.81 18.02
N PRO A 180 4.36 2.76 17.18
CA PRO A 180 4.00 1.47 16.59
C PRO A 180 5.09 0.99 15.62
N ILE A 181 5.25 -0.31 15.47
CA ILE A 181 6.26 -0.86 14.56
C ILE A 181 5.61 -1.63 13.42
N PRO A 182 5.63 -1.06 12.21
CA PRO A 182 5.04 -1.66 11.02
C PRO A 182 5.73 -2.96 10.60
N LEU A 183 5.27 -4.08 11.13
CA LEU A 183 5.83 -5.38 10.78
C LEU A 183 4.73 -6.43 10.59
N THR A 184 4.69 -7.02 9.39
CA THR A 184 3.65 -8.00 9.05
C THR A 184 4.24 -9.32 8.56
N VAL A 185 3.40 -10.35 8.47
CA VAL A 185 3.79 -11.64 7.92
C VAL A 185 2.65 -12.29 7.14
N TYR A 186 3.00 -12.95 6.05
CA TYR A 186 2.03 -13.66 5.23
C TYR A 186 2.58 -15.02 4.83
N CYS A 187 1.72 -16.04 4.81
CA CYS A 187 2.14 -17.38 4.41
C CYS A 187 1.36 -17.82 3.18
N ALA A 188 2.03 -18.54 2.29
CA ALA A 188 1.38 -19.10 1.10
C ALA A 188 0.27 -20.04 1.52
N LYS A 189 0.61 -20.98 2.39
CA LYS A 189 -0.37 -21.88 3.00
C LYS A 189 -0.53 -21.52 4.48
N SER A 190 -1.76 -21.58 4.97
CA SER A 190 -2.05 -21.19 6.35
C SER A 190 -1.25 -22.02 7.35
N GLN A 191 -0.37 -21.35 8.08
CA GLN A 191 0.51 -22.03 9.03
C GLN A 191 0.51 -21.34 10.39
N ASN A 192 0.71 -22.13 11.45
CA ASN A 192 0.78 -21.58 12.80
C ASN A 192 2.14 -20.97 13.09
N LEU A 193 2.17 -19.65 13.23
CA LEU A 193 3.41 -18.91 13.42
C LEU A 193 3.54 -18.33 14.81
N GLY A 194 4.77 -18.36 15.32
CA GLY A 194 5.11 -17.66 16.54
C GLY A 194 6.39 -16.88 16.27
N TYR A 195 6.87 -16.14 17.26
CA TYR A 195 8.14 -15.43 17.12
C TYR A 195 8.68 -14.97 18.46
N TYR A 196 10.00 -14.81 18.53
CA TYR A 196 10.63 -14.27 19.73
C TYR A 196 11.64 -13.18 19.36
N LEU A 197 11.97 -12.36 20.35
CA LEU A 197 12.93 -11.28 20.18
C LEU A 197 14.32 -11.73 20.65
N SER A 198 15.36 -11.15 20.04
CA SER A 198 16.73 -11.45 20.41
C SER A 198 17.53 -10.17 20.57
N GLY A 199 18.50 -10.17 21.48
CA GLY A 199 19.35 -9.01 21.68
C GLY A 199 19.95 -8.96 23.07
N THR A 200 20.60 -7.83 23.37
CA THR A 200 21.24 -7.64 24.66
C THR A 200 20.40 -6.74 25.57
N THR A 201 20.09 -7.24 26.76
CA THR A 201 19.23 -6.53 27.70
C THR A 201 19.99 -6.05 28.92
N ALA A 202 19.38 -5.13 29.65
CA ALA A 202 20.10 -4.54 30.77
C ALA A 202 19.44 -4.88 32.10
N ASP A 203 18.30 -5.53 32.04
CA ASP A 203 17.53 -5.76 33.25
C ASP A 203 17.46 -7.24 33.56
N ALA A 204 17.10 -7.56 34.79
CA ALA A 204 16.99 -8.95 35.23
C ALA A 204 15.83 -9.66 34.54
N GLY A 205 14.80 -8.91 34.17
CA GLY A 205 13.64 -9.47 33.51
C GLY A 205 13.91 -9.77 32.04
N ASN A 206 15.07 -9.35 31.56
CA ASN A 206 15.51 -9.59 30.19
C ASN A 206 14.53 -9.04 29.17
N SER A 207 14.16 -7.77 29.36
CA SER A 207 13.15 -7.14 28.49
C SER A 207 13.64 -5.81 27.92
N ILE A 208 14.42 -5.06 28.71
CA ILE A 208 14.91 -3.76 28.29
C ILE A 208 16.20 -3.87 27.50
N PHE A 209 16.11 -3.68 26.19
CA PHE A 209 17.28 -3.77 25.32
C PHE A 209 18.21 -2.58 25.50
N THR A 210 19.51 -2.86 25.60
CA THR A 210 20.52 -1.85 25.87
C THR A 210 20.68 -0.83 24.74
N ASN A 211 21.04 0.40 25.09
CA ASN A 211 21.25 1.44 24.12
C ASN A 211 22.60 1.19 23.54
N THR A 212 22.58 0.64 22.34
CA THR A 212 23.71 0.23 21.53
C THR A 212 24.45 1.39 20.94
N ALA A 213 23.89 2.59 21.02
CA ALA A 213 24.54 3.74 20.40
C ALA A 213 25.92 4.13 20.95
N SER A 214 26.85 4.36 20.05
CA SER A 214 28.23 4.74 20.37
C SER A 214 28.50 5.96 19.52
N PHE A 215 27.70 7.05 19.64
CA PHE A 215 27.70 8.44 19.22
C PHE A 215 26.76 9.03 20.22
N SER A 216 27.47 9.91 20.88
CA SER A 216 26.62 10.67 21.74
C SER A 216 25.53 9.79 22.41
N PRO A 217 25.96 8.70 23.15
CA PRO A 217 24.89 7.93 23.79
C PRO A 217 24.29 8.41 25.10
N ALA A 218 22.97 8.30 25.20
CA ALA A 218 22.19 8.67 26.37
C ALA A 218 22.16 7.52 27.34
N GLN A 219 22.51 7.74 28.59
CA GLN A 219 22.52 6.68 29.56
C GLN A 219 21.31 6.70 30.38
N GLY A 220 20.99 5.59 31.00
CA GLY A 220 19.85 5.48 31.86
C GLY A 220 18.64 4.82 31.22
N VAL A 221 18.55 4.95 29.93
CA VAL A 221 17.44 4.45 29.17
C VAL A 221 17.72 3.37 28.14
N GLY A 222 16.69 2.71 27.67
CA GLY A 222 16.84 1.67 26.69
C GLY A 222 15.53 1.56 25.97
N VAL A 223 15.33 0.51 25.20
CA VAL A 223 14.13 0.32 24.42
C VAL A 223 13.45 -0.92 24.85
N GLN A 224 12.15 -0.89 25.03
CA GLN A 224 11.39 -2.04 25.46
C GLN A 224 10.25 -2.27 24.50
N LEU A 225 10.11 -3.48 23.99
CA LEU A 225 9.06 -3.78 23.02
C LEU A 225 7.81 -4.35 23.71
N THR A 226 6.65 -3.83 23.34
CA THR A 226 5.41 -4.27 23.95
C THR A 226 4.39 -4.72 22.90
N ARG A 227 3.43 -5.53 23.31
CA ARG A 227 2.39 -6.02 22.42
C ARG A 227 1.12 -6.32 23.19
N ASN A 228 -0.01 -5.83 22.67
CA ASN A 228 -1.30 -5.96 23.35
C ASN A 228 -1.24 -5.49 24.79
N GLY A 229 -0.51 -4.40 25.01
CA GLY A 229 -0.40 -3.79 26.32
C GLY A 229 0.55 -4.54 27.24
N THR A 230 1.18 -5.58 26.73
CA THR A 230 2.07 -6.42 27.53
C THR A 230 3.51 -6.38 27.05
N ILE A 231 4.43 -6.12 27.97
CA ILE A 231 5.85 -6.10 27.66
C ILE A 231 6.36 -7.47 27.22
N ILE A 232 7.11 -7.51 26.12
CA ILE A 232 7.67 -8.76 25.61
C ILE A 232 9.16 -8.89 25.92
N PRO A 233 9.50 -9.72 26.91
CA PRO A 233 10.90 -9.97 27.24
C PRO A 233 11.65 -10.62 26.07
N ALA A 234 12.96 -10.47 26.04
CA ALA A 234 13.78 -11.12 25.02
C ALA A 234 13.67 -12.64 25.18
N ASN A 235 13.77 -13.34 24.05
CA ASN A 235 13.67 -14.80 24.03
C ASN A 235 12.37 -15.30 24.66
N ASN A 236 11.25 -14.78 24.16
CA ASN A 236 9.93 -15.14 24.67
C ASN A 236 8.95 -15.32 23.52
N THR A 237 8.53 -16.56 23.29
CA THR A 237 7.71 -16.88 22.13
C THR A 237 6.31 -16.25 22.16
N VAL A 238 6.04 -15.37 21.20
CA VAL A 238 4.71 -14.82 21.01
C VAL A 238 4.03 -15.49 19.82
N SER A 239 2.97 -16.26 20.10
CA SER A 239 2.30 -17.03 19.06
C SER A 239 1.25 -16.20 18.33
N LEU A 240 1.44 -16.02 17.03
CA LEU A 240 0.47 -15.32 16.20
C LEU A 240 -0.66 -16.27 15.80
N GLY A 241 -0.33 -17.55 15.71
CA GLY A 241 -1.31 -18.56 15.38
C GLY A 241 -1.50 -18.74 13.90
N ALA A 242 -2.75 -18.98 13.48
CA ALA A 242 -3.08 -19.19 12.08
C ALA A 242 -2.74 -17.97 11.23
N VAL A 243 -1.77 -18.14 10.33
CA VAL A 243 -1.32 -17.07 9.44
C VAL A 243 -1.34 -17.55 7.99
N GLY A 244 -2.14 -16.88 7.16
CA GLY A 244 -2.29 -17.26 5.77
C GLY A 244 -1.84 -16.19 4.79
N THR A 245 -2.58 -16.06 3.69
CA THR A 245 -2.21 -15.15 2.62
C THR A 245 -2.48 -13.68 2.98
N SER A 246 -3.19 -13.47 4.06
CA SER A 246 -3.45 -12.11 4.55
C SER A 246 -2.42 -11.74 5.61
N ALA A 247 -1.93 -10.50 5.55
CA ALA A 247 -0.89 -10.04 6.45
C ALA A 247 -1.37 -10.01 7.91
N VAL A 248 -0.60 -10.66 8.78
CA VAL A 248 -0.92 -10.68 10.21
C VAL A 248 0.13 -9.90 10.99
N SER A 249 -0.30 -8.81 11.60
CA SER A 249 0.61 -7.94 12.32
C SER A 249 1.27 -8.62 13.52
N LEU A 250 2.51 -8.27 13.81
CA LEU A 250 3.19 -8.79 14.98
C LEU A 250 2.84 -7.95 16.20
N GLY A 251 2.26 -6.78 15.94
CA GLY A 251 1.74 -5.92 16.98
C GLY A 251 2.78 -5.37 17.94
N LEU A 252 3.97 -5.12 17.44
CA LEU A 252 5.06 -4.62 18.28
C LEU A 252 5.01 -3.10 18.42
N THR A 253 5.43 -2.62 19.59
CA THR A 253 5.51 -1.20 19.87
C THR A 253 6.80 -0.88 20.62
N ALA A 254 7.57 0.05 20.08
CA ALA A 254 8.82 0.46 20.69
C ALA A 254 8.59 1.52 21.76
N ASN A 255 9.11 1.25 22.96
CA ASN A 255 8.98 2.15 24.09
C ASN A 255 10.32 2.49 24.72
N TYR A 256 10.35 3.56 25.50
CA TYR A 256 11.50 3.85 26.34
C TYR A 256 11.34 3.11 27.67
N ALA A 257 12.44 2.61 28.20
CA ALA A 257 12.41 1.97 29.50
C ALA A 257 13.60 2.43 30.34
N ARG A 258 13.41 2.49 31.66
CA ARG A 258 14.45 2.99 32.56
C ARG A 258 15.34 1.85 33.03
N THR A 259 16.65 2.12 33.06
CA THR A 259 17.66 1.12 33.40
C THR A 259 17.71 0.86 34.90
N GLY A 260 17.77 1.95 35.67
CA GLY A 260 17.91 1.85 37.12
C GLY A 260 18.84 2.94 37.62
N GLY A 261 18.97 3.99 36.82
CA GLY A 261 19.81 5.12 37.17
C GLY A 261 19.08 6.43 36.93
N GLN A 262 19.74 7.35 36.22
CA GLN A 262 19.12 8.64 35.90
C GLN A 262 19.40 9.01 34.44
N VAL A 263 18.34 9.32 33.72
CA VAL A 263 18.41 9.55 32.27
C VAL A 263 19.19 10.80 31.89
N THR A 264 20.17 10.63 31.02
CA THR A 264 20.93 11.77 30.48
C THR A 264 20.64 11.92 28.99
N ALA A 265 20.90 13.10 28.45
CA ALA A 265 20.58 13.40 27.05
C ALA A 265 21.47 12.64 26.09
N GLY A 266 21.06 12.57 24.82
CA GLY A 266 21.85 11.95 23.78
C GLY A 266 21.11 10.96 22.91
N ASN A 267 21.84 10.32 21.99
CA ASN A 267 21.27 9.32 21.08
C ASN A 267 20.82 8.05 21.78
N VAL A 268 19.83 7.39 21.20
CA VAL A 268 19.37 6.09 21.68
C VAL A 268 19.21 5.15 20.50
N GLN A 269 19.80 3.96 20.60
CA GLN A 269 19.65 2.96 19.55
C GLN A 269 19.69 1.54 20.09
N SER A 270 18.73 0.73 19.65
CA SER A 270 18.71 -0.69 20.01
C SER A 270 18.41 -1.54 18.78
N ILE A 271 19.21 -2.59 18.60
CA ILE A 271 19.01 -3.50 17.47
C ILE A 271 18.37 -4.80 17.96
N ILE A 272 17.08 -4.94 17.70
CA ILE A 272 16.32 -6.08 18.18
C ILE A 272 15.99 -7.05 17.06
N GLY A 273 16.31 -8.33 17.27
CA GLY A 273 16.07 -9.35 16.28
C GLY A 273 14.72 -10.01 16.43
N VAL A 274 14.10 -10.34 15.30
CA VAL A 274 12.84 -11.07 15.31
C VAL A 274 13.03 -12.42 14.64
N THR A 275 12.78 -13.49 15.38
CA THR A 275 12.93 -14.83 14.81
C THR A 275 11.63 -15.62 14.90
N PHE A 276 11.19 -16.18 13.78
CA PHE A 276 9.91 -16.88 13.74
C PHE A 276 10.04 -18.36 14.07
N VAL A 277 9.04 -18.87 14.79
CA VAL A 277 8.96 -20.28 15.14
C VAL A 277 7.78 -20.93 14.44
N TYR A 278 8.03 -22.04 13.78
CA TYR A 278 7.01 -22.71 12.98
C TYR A 278 6.42 -23.90 13.72
N GLN A 279 5.15 -24.20 13.44
CA GLN A 279 4.39 -25.24 14.11
C GLN A 279 4.25 -24.97 15.62
N ALA B 1 18.31 -13.68 12.82
CA ALA B 1 16.92 -13.24 12.89
C ALA B 1 16.31 -13.13 11.50
N ASP B 2 15.02 -13.41 11.39
CA ASP B 2 14.30 -13.23 10.13
C ASP B 2 14.12 -11.74 9.84
N VAL B 3 13.88 -10.98 10.91
CA VAL B 3 13.74 -9.53 10.80
C VAL B 3 14.56 -8.85 11.89
N THR B 4 15.32 -7.82 11.51
CA THR B 4 16.04 -7.02 12.48
C THR B 4 15.38 -5.65 12.66
N ILE B 5 15.07 -5.31 13.90
CA ILE B 5 14.41 -4.04 14.20
C ILE B 5 15.41 -3.03 14.78
N THR B 6 15.62 -1.94 14.06
CA THR B 6 16.44 -0.85 14.57
C THR B 6 15.55 0.21 15.20
N VAL B 7 15.83 0.55 16.46
CA VAL B 7 15.02 1.50 17.19
C VAL B 7 15.80 2.76 17.54
N ASN B 8 15.55 3.83 16.79
CA ASN B 8 16.24 5.11 17.01
C ASN B 8 15.46 6.03 17.94
N GLY B 9 16.12 6.48 19.01
CA GLY B 9 15.51 7.42 19.94
C GLY B 9 16.46 8.55 20.26
N LYS B 10 15.99 9.51 21.06
CA LYS B 10 16.82 10.64 21.46
C LYS B 10 16.27 11.33 22.71
N VAL B 11 17.16 11.68 23.61
CA VAL B 11 16.80 12.40 24.83
C VAL B 11 17.29 13.85 24.77
N VAL B 12 16.38 14.80 24.95
CA VAL B 12 16.74 16.21 24.93
C VAL B 12 16.91 16.76 26.34
N ALA B 13 17.47 17.96 26.45
CA ALA B 13 17.69 18.59 27.74
C ALA B 13 17.00 19.96 27.81
#